data_4UO4
#
_entry.id   4UO4
#
_cell.length_a   96.405
_cell.length_b   96.405
_cell.length_c   347.128
_cell.angle_alpha   90.00
_cell.angle_beta   90.00
_cell.angle_gamma   120.00
#
_symmetry.space_group_name_H-M   'P 63 2 2'
#
loop_
_entity.id
_entity.type
_entity.pdbx_description
1 polymer 'H3 HAEMAGGLUTININ HA1 CHAIN'
2 polymer 'H3 HAEMAGGLUTININ HA2 CHAIN'
3 branched 2-acetamido-2-deoxy-beta-D-glucopyranose-(1-4)-2-acetamido-2-deoxy-beta-D-glucopyranose
4 branched alpha-D-mannopyranose-(1-6)-beta-D-mannopyranose-(1-4)-2-acetamido-2-deoxy-beta-D-glucopyranose-(1-4)-2-acetamido-2-deoxy-beta-D-glucopyranose
5 branched alpha-D-mannopyranose-(1-3)-alpha-D-mannopyranose-(1-3)-beta-D-mannopyranose-(1-4)-2-acetamido-2-deoxy-beta-D-glucopyranose-(1-4)-2-acetamido-2-deoxy-beta-D-glucopyranose
6 non-polymer 2-acetamido-2-deoxy-beta-D-glucopyranose
7 non-polymer 'SULFATE ION'
8 water water
#
loop_
_entity_poly.entity_id
_entity_poly.type
_entity_poly.pdbx_seq_one_letter_code
_entity_poly.pdbx_strand_id
1 'polypeptide(L)'
;QNPISGNNTATLCLGHHAVANGTLVKTMSDDQIEVTNATELVQSISMGKICNKSYRILDGRNCTLIDAMLGDPHCDAFQY
ESWDLFIERSNAFSNCYPYDIPDYASLRSIVASSGTVEFTAEGFTWTGVTQNGRSGACKRGSADSFFSRLNWLTKSGSSY
PTLNVTMPNNKNFDKLYIWGIHHPSSNQEQTKLYIQESGRVTVSTKRSQQTIIPNIGSRPLVRGQSGRISIYWTIVKPGD
ILMINSNGNLVAPRGYFKLNTGKSSVMRSDVPIDICVSECITPNGSISNDKPFQNVNKVTYGKCPKYIRQNTLKLATGMR
NVPEKQTR
;
A
2 'polypeptide(L)'
;GIFGAIAGFIENGWEGMVDGWYGFRYQNSEGTGQAADLKSTQAAIDQINGKLNRVIERTNEKFHQIEKEFSEVEGRIQDL
EKYVEDTKIDLWSYNAELLVALENQHTIDLTDAEMNKLFEKTRRQLRENAEDMGDGCFKIYHKCDNACIESIRTGTYDHY
IYRDEALNNRFQSGR
;
B
#
# COMPACT_ATOMS: atom_id res chain seq x y z
N ASN A 7 55.27 22.84 -25.90
CA ASN A 7 55.84 21.61 -26.51
C ASN A 7 55.02 21.11 -27.72
N ASN A 8 55.74 20.44 -28.64
CA ASN A 8 55.16 19.70 -29.79
C ASN A 8 54.74 18.20 -29.52
N THR A 9 54.16 17.93 -28.35
CA THR A 9 53.40 16.72 -28.12
C THR A 9 52.17 17.14 -27.36
N ALA A 10 51.41 16.17 -26.86
CA ALA A 10 50.19 16.48 -26.10
C ALA A 10 49.83 15.32 -25.19
N THR A 11 49.16 15.63 -24.08
CA THR A 11 48.56 14.60 -23.23
C THR A 11 47.04 14.78 -23.19
N LEU A 12 46.34 13.67 -23.38
CA LEU A 12 44.89 13.64 -23.37
C LEU A 12 44.47 12.66 -22.29
N CYS A 13 43.77 13.16 -21.28
CA CYS A 13 43.43 12.38 -20.11
C CYS A 13 41.96 12.08 -20.10
N LEU A 14 41.63 10.88 -19.66
CA LEU A 14 40.26 10.47 -19.56
C LEU A 14 39.86 10.43 -18.12
N GLY A 15 38.59 10.74 -17.87
CA GLY A 15 38.08 10.78 -16.51
C GLY A 15 36.58 10.81 -16.37
N HIS A 16 36.14 10.84 -15.11
CA HIS A 16 34.73 10.88 -14.76
C HIS A 16 34.51 11.83 -13.61
N HIS A 17 33.25 12.11 -13.31
CA HIS A 17 32.99 13.06 -12.27
C HIS A 17 33.01 12.47 -10.89
N ALA A 18 33.02 13.38 -9.94
CA ALA A 18 32.91 13.05 -8.52
C ALA A 18 32.18 14.20 -7.83
N VAL A 19 31.60 13.93 -6.68
CA VAL A 19 31.00 15.00 -5.89
C VAL A 19 31.69 15.06 -4.55
N ALA A 20 31.51 16.17 -3.83
CA ALA A 20 32.14 16.33 -2.51
C ALA A 20 31.49 15.40 -1.48
N ASN A 21 30.18 15.53 -1.33
CA ASN A 21 29.44 14.81 -0.29
C ASN A 21 28.70 13.64 -0.95
N GLY A 22 29.39 12.49 -1.05
CA GLY A 22 28.85 11.27 -1.63
C GLY A 22 28.02 10.47 -0.64
N THR A 23 27.70 9.21 -0.98
CA THR A 23 26.79 8.42 -0.17
C THR A 23 26.89 6.89 -0.34
N LEU A 24 26.64 6.17 0.75
CA LEU A 24 26.96 4.75 0.84
C LEU A 24 25.80 3.84 0.45
N VAL A 25 26.09 2.82 -0.35
CA VAL A 25 25.11 1.80 -0.75
C VAL A 25 25.73 0.42 -0.69
N LYS A 26 24.88 -0.57 -0.86
CA LYS A 26 25.27 -1.96 -0.77
C LYS A 26 25.13 -2.60 -2.14
N THR A 27 26.09 -3.45 -2.49
CA THR A 27 26.08 -4.19 -3.72
C THR A 27 26.21 -5.66 -3.38
N MET A 28 26.32 -6.50 -4.39
CA MET A 28 26.58 -7.90 -4.17
C MET A 28 28.01 -8.14 -3.73
N SER A 29 28.87 -7.15 -4.02
CA SER A 29 30.29 -7.23 -3.75
C SER A 29 30.73 -6.55 -2.46
N ASP A 30 30.00 -5.53 -2.02
CA ASP A 30 30.42 -4.73 -0.86
C ASP A 30 29.24 -4.47 0.03
N ASP A 31 29.49 -4.44 1.34
CA ASP A 31 28.45 -4.13 2.30
C ASP A 31 28.13 -2.64 2.16
N GLN A 32 29.16 -1.86 1.88
CA GLN A 32 29.07 -0.39 1.83
C GLN A 32 30.07 0.16 0.83
N ILE A 33 29.61 0.96 -0.11
CA ILE A 33 30.51 1.57 -1.07
C ILE A 33 29.93 2.89 -1.56
N GLU A 34 30.80 3.89 -1.71
CA GLU A 34 30.34 5.26 -1.92
C GLU A 34 30.06 5.52 -3.38
N VAL A 35 28.86 6.01 -3.68
CA VAL A 35 28.48 6.41 -5.03
C VAL A 35 28.11 7.88 -4.99
N THR A 36 28.01 8.48 -6.18
CA THR A 36 27.73 9.92 -6.31
C THR A 36 26.34 10.31 -5.82
N ASN A 37 25.40 9.40 -5.85
CA ASN A 37 24.02 9.72 -5.52
C ASN A 37 23.18 8.45 -5.35
N ALA A 38 22.09 8.56 -4.60
CA ALA A 38 21.21 7.43 -4.40
C ALA A 38 19.86 7.92 -3.91
N THR A 39 18.83 7.09 -4.07
CA THR A 39 17.50 7.45 -3.61
C THR A 39 16.98 6.39 -2.65
N GLU A 40 16.20 6.83 -1.64
CA GLU A 40 15.46 5.96 -0.70
C GLU A 40 14.32 5.27 -1.43
N LEU A 41 14.23 3.97 -1.21
CA LEU A 41 13.21 3.14 -1.75
C LEU A 41 12.11 2.76 -0.74
N VAL A 42 12.25 3.19 0.52
CA VAL A 42 11.34 2.83 1.56
C VAL A 42 10.74 4.08 2.21
N GLN A 43 9.42 4.14 2.21
CA GLN A 43 8.68 5.19 2.84
C GLN A 43 8.55 4.88 4.33
N SER A 44 9.13 5.79 5.10
CA SER A 44 9.39 5.63 6.52
C SER A 44 8.49 6.55 7.32
N ILE A 45 8.05 7.62 6.66
CA ILE A 45 7.45 8.80 7.22
C ILE A 45 6.02 8.83 6.71
N SER A 46 5.08 9.10 7.63
CA SER A 46 3.69 9.25 7.29
C SER A 46 3.33 10.73 7.37
N MET A 47 2.28 11.10 6.66
CA MET A 47 1.78 12.47 6.70
C MET A 47 1.23 12.88 8.06
N GLY A 48 0.91 11.92 8.93
CA GLY A 48 0.41 12.23 10.28
C GLY A 48 -1.11 12.48 10.38
N LYS A 49 -1.76 12.60 9.25
CA LYS A 49 -3.17 12.80 9.17
C LYS A 49 -3.67 11.89 8.08
N ILE A 50 -4.98 11.73 7.98
CA ILE A 50 -5.57 10.95 6.90
C ILE A 50 -6.17 11.93 5.94
N CYS A 51 -5.72 11.89 4.71
CA CYS A 51 -6.18 12.83 3.72
C CYS A 51 -7.62 12.57 3.26
N ASN A 52 -8.38 13.64 3.18
CA ASN A 52 -9.76 13.58 2.78
C ASN A 52 -9.94 13.37 1.28
N LYS A 53 -8.86 13.44 0.51
CA LYS A 53 -8.86 13.06 -0.91
C LYS A 53 -7.66 12.16 -1.15
N SER A 54 -7.70 11.26 -2.13
CA SER A 54 -8.71 11.26 -3.21
C SER A 54 -9.87 10.25 -3.03
N TYR A 55 -9.76 9.36 -2.05
CA TYR A 55 -10.84 8.44 -1.70
C TYR A 55 -11.84 9.06 -0.74
N ARG A 56 -13.06 8.52 -0.74
CA ARG A 56 -14.13 8.99 0.14
C ARG A 56 -13.97 8.35 1.50
N ILE A 57 -13.62 9.18 2.48
CA ILE A 57 -13.31 8.72 3.81
C ILE A 57 -14.48 9.11 4.66
N LEU A 58 -14.91 8.21 5.55
CA LEU A 58 -15.98 8.47 6.49
C LEU A 58 -15.54 8.18 7.90
N ASP A 59 -15.65 9.17 8.77
CA ASP A 59 -15.17 9.07 10.13
C ASP A 59 -16.25 8.48 11.02
N GLY A 60 -16.04 7.28 11.51
CA GLY A 60 -16.95 6.67 12.47
C GLY A 60 -17.23 7.56 13.66
N ARG A 61 -16.29 8.42 14.04
CA ARG A 61 -16.39 9.16 15.29
C ARG A 61 -16.79 8.15 16.36
N ASN A 62 -17.88 8.42 17.04
CA ASN A 62 -18.36 7.59 18.14
C ASN A 62 -18.97 6.22 17.76
N CYS A 63 -19.04 5.90 16.47
CA CYS A 63 -19.79 4.75 16.01
C CYS A 63 -18.93 3.68 15.33
N THR A 64 -19.19 2.43 15.64
CA THR A 64 -18.62 1.34 14.91
C THR A 64 -19.43 1.18 13.64
N LEU A 65 -18.85 0.52 12.67
CA LEU A 65 -19.55 0.23 11.44
C LEU A 65 -20.83 -0.58 11.69
N ILE A 66 -20.77 -1.58 12.55
CA ILE A 66 -21.94 -2.38 12.82
C ILE A 66 -23.05 -1.53 13.42
N ASP A 67 -22.73 -0.70 14.40
CA ASP A 67 -23.76 0.09 15.07
C ASP A 67 -24.42 1.02 14.05
N ALA A 68 -23.60 1.63 13.19
CA ALA A 68 -24.11 2.51 12.14
C ALA A 68 -25.12 1.79 11.28
N MET A 69 -24.84 0.54 10.99
CA MET A 69 -25.71 -0.19 10.13
C MET A 69 -26.96 -0.72 10.84
N LEU A 70 -26.84 -1.14 12.10
CA LEU A 70 -28.02 -1.58 12.87
C LEU A 70 -28.98 -0.44 13.18
N GLY A 71 -28.44 0.75 13.32
CA GLY A 71 -29.24 1.91 13.61
C GLY A 71 -29.36 2.21 15.09
N ASP A 72 -28.28 1.99 15.83
CA ASP A 72 -28.09 2.57 17.16
C ASP A 72 -28.36 4.08 17.06
N PRO A 73 -29.21 4.62 17.92
CA PRO A 73 -29.67 6.00 17.83
C PRO A 73 -28.61 7.07 17.71
N HIS A 74 -27.50 6.94 18.42
CA HIS A 74 -26.44 7.94 18.28
C HIS A 74 -25.70 7.83 16.93
N CYS A 75 -25.95 6.76 16.19
CA CYS A 75 -25.46 6.61 14.82
C CYS A 75 -26.45 7.00 13.71
N ASP A 76 -27.55 7.66 14.05
CA ASP A 76 -28.52 8.07 13.04
C ASP A 76 -27.92 8.90 11.92
N ALA A 77 -26.92 9.73 12.23
CA ALA A 77 -26.26 10.54 11.18
C ALA A 77 -25.60 9.71 10.05
N PHE A 78 -25.38 8.41 10.28
CA PHE A 78 -24.72 7.56 9.30
C PHE A 78 -25.64 6.82 8.37
N GLN A 79 -26.93 6.76 8.67
CA GLN A 79 -27.86 6.17 7.70
C GLN A 79 -27.65 7.04 6.47
N TYR A 80 -28.04 6.55 5.32
CA TYR A 80 -27.74 7.30 4.08
C TYR A 80 -26.29 7.31 3.61
N GLU A 81 -25.31 7.00 4.45
CA GLU A 81 -23.89 7.16 4.05
C GLU A 81 -23.27 6.01 3.29
N SER A 82 -22.29 6.36 2.47
CA SER A 82 -21.45 5.37 1.81
C SER A 82 -20.03 5.86 1.83
N TRP A 83 -19.09 4.98 1.51
CA TRP A 83 -17.69 5.30 1.70
C TRP A 83 -16.80 4.42 0.84
N ASP A 84 -15.61 4.93 0.53
CA ASP A 84 -14.53 4.08 0.06
C ASP A 84 -13.89 3.46 1.31
N LEU A 85 -13.61 4.27 2.32
CA LEU A 85 -12.99 3.74 3.54
C LEU A 85 -13.67 4.28 4.79
N PHE A 86 -14.16 3.38 5.64
CA PHE A 86 -14.80 3.75 6.90
C PHE A 86 -13.74 3.68 7.99
N ILE A 87 -13.63 4.76 8.77
CA ILE A 87 -12.66 4.84 9.85
C ILE A 87 -13.32 4.60 11.20
N GLU A 88 -12.94 3.52 11.86
CA GLU A 88 -13.36 3.22 13.24
C GLU A 88 -12.34 3.68 14.30
N ARG A 89 -12.83 4.39 15.32
CA ARG A 89 -12.02 4.94 16.40
C ARG A 89 -12.06 4.08 17.66
N SER A 90 -10.98 4.08 18.43
CA SER A 90 -10.89 3.38 19.71
C SER A 90 -12.00 3.72 20.67
N ASN A 91 -12.37 4.99 20.74
CA ASN A 91 -13.33 5.47 21.74
C ASN A 91 -14.79 5.34 21.30
N ALA A 92 -15.06 4.54 20.27
CA ALA A 92 -16.43 4.30 19.84
C ALA A 92 -17.12 3.47 20.90
N PHE A 93 -18.41 3.70 21.08
CA PHE A 93 -19.19 2.96 22.06
C PHE A 93 -20.54 2.61 21.47
N SER A 94 -21.12 1.54 22.00
CA SER A 94 -22.51 1.18 21.74
C SER A 94 -23.38 1.90 22.77
N ASN A 95 -24.62 2.22 22.41
CA ASN A 95 -25.51 2.89 23.33
C ASN A 95 -26.97 2.50 23.13
N CYS A 96 -27.20 1.29 22.64
CA CYS A 96 -28.54 0.77 22.43
C CYS A 96 -28.66 -0.52 23.27
N TYR A 97 -29.48 -1.49 22.84
CA TYR A 97 -29.72 -2.71 23.64
C TYR A 97 -28.52 -3.62 23.51
N PRO A 98 -28.04 -4.20 24.62
CA PRO A 98 -26.83 -5.00 24.55
C PRO A 98 -27.00 -6.22 23.63
N TYR A 99 -26.02 -6.45 22.76
CA TYR A 99 -26.16 -7.51 21.75
C TYR A 99 -24.89 -8.31 21.58
N ASP A 100 -24.97 -9.34 20.77
CA ASP A 100 -23.78 -10.06 20.33
C ASP A 100 -24.01 -10.58 18.93
N ILE A 101 -22.97 -10.74 18.15
CA ILE A 101 -23.09 -11.36 16.84
C ILE A 101 -22.13 -12.53 16.67
N PRO A 102 -22.67 -13.73 16.55
CA PRO A 102 -21.81 -14.83 16.16
C PRO A 102 -21.17 -14.52 14.81
N ASP A 103 -19.85 -14.57 14.77
CA ASP A 103 -19.14 -14.25 13.53
C ASP A 103 -19.32 -12.76 13.19
N TYR A 104 -19.23 -11.93 14.23
CA TYR A 104 -19.22 -10.48 14.10
C TYR A 104 -18.31 -10.02 12.99
N ALA A 105 -17.07 -10.48 13.06
CA ALA A 105 -16.04 -10.07 12.10
C ALA A 105 -16.46 -10.26 10.66
N SER A 106 -17.10 -11.38 10.34
CA SER A 106 -17.49 -11.65 8.95
C SER A 106 -18.54 -10.68 8.47
N LEU A 107 -19.44 -10.30 9.37
CA LEU A 107 -20.48 -9.37 9.00
C LEU A 107 -19.91 -7.98 8.86
N ARG A 108 -19.02 -7.62 9.78
CA ARG A 108 -18.29 -6.35 9.65
C ARG A 108 -17.54 -6.25 8.30
N SER A 109 -16.98 -7.36 7.86
CA SER A 109 -16.26 -7.42 6.63
C SER A 109 -17.20 -7.34 5.46
N ILE A 110 -18.31 -8.07 5.52
CA ILE A 110 -19.25 -8.04 4.41
C ILE A 110 -19.74 -6.61 4.19
N VAL A 111 -20.07 -5.91 5.26
CA VAL A 111 -20.68 -4.58 5.14
C VAL A 111 -19.62 -3.56 4.74
N ALA A 112 -18.47 -3.68 5.36
CA ALA A 112 -17.36 -2.78 5.07
C ALA A 112 -17.08 -2.82 3.59
N SER A 113 -16.99 -4.04 3.10
CA SER A 113 -16.71 -4.34 1.71
C SER A 113 -17.74 -3.75 0.73
N SER A 114 -18.98 -3.70 1.20
CA SER A 114 -20.07 -3.22 0.41
C SER A 114 -20.12 -1.71 0.32
N GLY A 115 -19.57 -1.02 1.31
CA GLY A 115 -19.36 0.41 1.21
C GLY A 115 -20.57 1.32 1.45
N THR A 116 -21.63 0.79 2.06
CA THR A 116 -22.84 1.57 2.40
C THR A 116 -23.62 0.93 3.53
N VAL A 117 -24.31 1.77 4.28
CA VAL A 117 -25.36 1.33 5.21
C VAL A 117 -26.74 1.86 4.76
N GLU A 118 -26.90 2.18 3.48
CA GLU A 118 -28.17 2.63 2.97
C GLU A 118 -29.11 1.46 2.96
N PHE A 119 -30.34 1.73 3.41
CA PHE A 119 -31.29 0.69 3.77
C PHE A 119 -32.50 0.81 2.91
N THR A 120 -33.10 -0.29 2.52
CA THR A 120 -34.33 -0.21 1.73
C THR A 120 -35.45 -0.95 2.45
N ALA A 121 -36.36 -0.17 2.98
CA ALA A 121 -37.44 -0.71 3.78
C ALA A 121 -38.35 -1.53 2.90
N GLU A 122 -38.87 -2.62 3.47
CA GLU A 122 -39.89 -3.42 2.79
C GLU A 122 -41.11 -3.52 3.67
N GLY A 123 -42.26 -3.70 3.03
CA GLY A 123 -43.54 -3.79 3.75
C GLY A 123 -43.86 -5.19 4.23
N PHE A 124 -43.07 -5.69 5.18
CA PHE A 124 -43.41 -6.91 5.86
C PHE A 124 -44.67 -6.63 6.63
N THR A 125 -45.61 -7.58 6.59
CA THR A 125 -46.81 -7.47 7.40
C THR A 125 -46.76 -8.55 8.50
N TRP A 126 -46.87 -8.13 9.76
CA TRP A 126 -46.83 -9.04 10.91
C TRP A 126 -48.16 -9.04 11.66
N THR A 127 -49.09 -9.92 11.29
CA THR A 127 -50.44 -9.88 11.88
C THR A 127 -50.51 -10.64 13.19
N GLY A 128 -51.15 -9.99 14.17
CA GLY A 128 -51.43 -10.56 15.49
C GLY A 128 -50.34 -10.33 16.52
N VAL A 129 -49.40 -9.44 16.22
CA VAL A 129 -48.34 -9.05 17.17
C VAL A 129 -48.20 -7.54 17.21
N THR A 130 -47.60 -7.03 18.28
CA THR A 130 -47.29 -5.59 18.33
C THR A 130 -45.86 -5.24 17.89
N GLN A 131 -45.79 -4.29 16.97
CA GLN A 131 -44.54 -3.88 16.37
C GLN A 131 -43.89 -2.76 17.17
N ASN A 132 -42.69 -2.39 16.75
CA ASN A 132 -41.99 -1.21 17.25
C ASN A 132 -41.66 -1.22 18.72
N GLY A 133 -41.35 -2.39 19.27
CA GLY A 133 -40.85 -2.49 20.64
C GLY A 133 -39.66 -1.56 20.96
N ARG A 134 -39.75 -0.94 22.13
CA ARG A 134 -38.85 0.12 22.56
C ARG A 134 -38.17 -0.34 23.83
N SER A 135 -37.11 0.38 24.22
CA SER A 135 -36.37 0.06 25.44
C SER A 135 -35.62 1.25 25.99
N GLY A 136 -35.53 1.32 27.33
CA GLY A 136 -34.86 2.40 28.04
C GLY A 136 -33.34 2.30 27.93
N ALA A 137 -32.84 1.19 27.41
CA ALA A 137 -31.43 1.04 27.14
C ALA A 137 -31.03 1.84 25.91
N CYS A 138 -32.02 2.24 25.12
CA CYS A 138 -31.78 2.67 23.76
C CYS A 138 -32.57 3.95 23.46
N LYS A 139 -32.14 5.05 24.06
CA LYS A 139 -32.87 6.32 24.04
C LYS A 139 -32.60 7.21 22.84
N ARG A 140 -33.59 7.37 21.96
CA ARG A 140 -33.51 8.31 20.85
C ARG A 140 -34.29 9.59 21.24
N GLY A 141 -33.57 10.55 21.83
CA GLY A 141 -34.20 11.75 22.44
C GLY A 141 -34.38 11.54 23.93
N SER A 142 -35.49 12.01 24.49
CA SER A 142 -35.92 11.56 25.82
C SER A 142 -36.41 10.11 25.72
N ALA A 143 -36.92 9.75 24.54
CA ALA A 143 -37.77 8.57 24.36
C ALA A 143 -37.02 7.25 24.29
N ASP A 144 -37.64 6.21 24.83
CA ASP A 144 -37.22 4.83 24.60
C ASP A 144 -37.35 4.54 23.12
N SER A 145 -36.46 3.70 22.62
CA SER A 145 -36.39 3.43 21.20
C SER A 145 -35.62 2.13 20.99
N PHE A 146 -35.13 1.92 19.77
CA PHE A 146 -34.50 0.66 19.44
C PHE A 146 -33.68 0.85 18.18
N PHE A 147 -32.89 -0.16 17.81
CA PHE A 147 -32.17 -0.14 16.56
C PHE A 147 -33.18 0.22 15.49
N SER A 148 -32.92 1.26 14.73
CA SER A 148 -33.86 1.70 13.68
C SER A 148 -34.08 0.72 12.51
N ARG A 149 -33.14 -0.18 12.24
CA ARG A 149 -33.27 -1.15 11.15
C ARG A 149 -33.87 -2.47 11.61
N LEU A 150 -34.18 -2.54 12.89
CA LEU A 150 -34.79 -3.71 13.47
C LEU A 150 -36.16 -3.41 14.13
N ASN A 151 -37.00 -4.45 14.11
CA ASN A 151 -38.39 -4.36 14.57
C ASN A 151 -38.68 -5.38 15.69
N TRP A 152 -38.73 -4.90 16.91
CA TRP A 152 -38.95 -5.76 18.04
C TRP A 152 -40.44 -6.12 18.11
N LEU A 153 -40.75 -7.42 18.03
CA LEU A 153 -42.13 -7.89 17.99
C LEU A 153 -42.48 -8.57 19.28
N THR A 154 -43.68 -8.26 19.77
CA THR A 154 -44.23 -8.82 21.01
C THR A 154 -45.73 -9.15 20.85
N LYS A 155 -46.31 -9.75 21.89
CA LYS A 155 -47.72 -10.08 21.90
C LYS A 155 -48.59 -8.87 21.58
N SER A 156 -49.69 -9.13 20.87
CA SER A 156 -50.81 -8.18 20.86
C SER A 156 -51.95 -8.82 21.64
N GLY A 157 -52.50 -8.10 22.63
CA GLY A 157 -53.54 -8.64 23.51
C GLY A 157 -53.03 -9.75 24.43
N SER A 158 -53.44 -10.99 24.18
CA SER A 158 -52.99 -12.12 25.01
C SER A 158 -52.58 -13.34 24.18
N SER A 159 -52.03 -13.10 22.98
CA SER A 159 -51.35 -14.15 22.24
C SER A 159 -50.26 -13.60 21.32
N TYR A 160 -49.47 -14.55 20.82
CA TYR A 160 -48.42 -14.30 19.86
C TYR A 160 -48.45 -15.53 18.96
N PRO A 161 -49.03 -15.40 17.76
CA PRO A 161 -49.26 -16.57 16.92
C PRO A 161 -48.01 -16.95 16.15
N THR A 162 -47.89 -18.22 15.73
CA THR A 162 -46.83 -18.61 14.79
C THR A 162 -46.85 -17.62 13.61
N LEU A 163 -45.74 -16.92 13.44
CA LEU A 163 -45.58 -15.99 12.33
C LEU A 163 -45.06 -16.73 11.15
N ASN A 164 -45.60 -16.42 9.99
CA ASN A 164 -45.19 -17.08 8.77
C ASN A 164 -45.24 -16.10 7.61
N VAL A 165 -44.11 -15.43 7.37
CA VAL A 165 -44.01 -14.26 6.51
C VAL A 165 -42.98 -14.50 5.42
N THR A 166 -43.32 -14.08 4.19
CA THR A 166 -42.38 -14.16 3.07
C THR A 166 -42.04 -12.79 2.49
N MET A 167 -41.00 -12.78 1.68
CA MET A 167 -40.61 -11.59 0.97
C MET A 167 -39.73 -12.06 -0.14
N PRO A 168 -40.25 -12.09 -1.37
CA PRO A 168 -39.41 -12.59 -2.45
C PRO A 168 -38.46 -11.54 -2.97
N ASN A 169 -37.32 -11.99 -3.49
CA ASN A 169 -36.36 -11.12 -4.14
C ASN A 169 -36.56 -11.21 -5.65
N ASN A 170 -37.21 -10.19 -6.21
CA ASN A 170 -37.42 -10.11 -7.65
C ASN A 170 -36.46 -9.14 -8.33
N LYS A 171 -35.38 -8.78 -7.63
CA LYS A 171 -34.42 -7.81 -8.11
C LYS A 171 -33.29 -8.48 -8.87
N ASN A 172 -32.37 -7.66 -9.40
CA ASN A 172 -31.18 -8.14 -10.10
C ASN A 172 -30.09 -8.66 -9.15
N PHE A 173 -30.22 -8.34 -7.86
CA PHE A 173 -29.10 -8.43 -6.93
C PHE A 173 -29.43 -9.21 -5.67
N ASP A 174 -28.38 -9.63 -4.99
CA ASP A 174 -28.49 -10.28 -3.70
C ASP A 174 -28.94 -9.24 -2.68
N LYS A 175 -29.90 -9.61 -1.83
CA LYS A 175 -30.32 -8.74 -0.74
C LYS A 175 -29.70 -9.25 0.55
N LEU A 176 -29.30 -8.35 1.43
CA LEU A 176 -28.77 -8.76 2.74
C LEU A 176 -29.74 -8.41 3.83
N TYR A 177 -30.15 -9.40 4.61
CA TYR A 177 -31.16 -9.16 5.65
C TYR A 177 -30.56 -9.34 7.02
N ILE A 178 -30.80 -8.38 7.90
CA ILE A 178 -30.31 -8.41 9.26
C ILE A 178 -31.48 -8.56 10.17
N TRP A 179 -31.37 -9.50 11.11
CA TRP A 179 -32.46 -9.85 11.98
C TRP A 179 -31.89 -10.42 13.24
N GLY A 180 -32.74 -10.72 14.21
CA GLY A 180 -32.23 -11.16 15.48
C GLY A 180 -33.23 -11.87 16.33
N ILE A 181 -32.74 -12.35 17.47
CA ILE A 181 -33.56 -13.01 18.47
C ILE A 181 -33.29 -12.41 19.85
N HIS A 182 -34.31 -12.34 20.68
CA HIS A 182 -34.19 -11.80 22.03
C HIS A 182 -34.11 -12.88 23.08
N HIS A 183 -32.99 -12.92 23.81
CA HIS A 183 -32.80 -13.77 24.99
C HIS A 183 -33.20 -12.96 26.22
N PRO A 184 -34.30 -13.31 26.87
CA PRO A 184 -34.70 -12.49 28.01
C PRO A 184 -34.07 -13.02 29.27
N SER A 185 -34.18 -12.23 30.35
CA SER A 185 -33.54 -12.56 31.63
C SER A 185 -34.40 -13.37 32.62
N SER A 186 -35.70 -13.47 32.36
CA SER A 186 -36.58 -14.21 33.24
C SER A 186 -37.77 -14.82 32.47
N ASN A 187 -38.23 -15.98 32.94
CA ASN A 187 -39.43 -16.62 32.38
C ASN A 187 -40.60 -15.68 32.46
N GLN A 188 -40.67 -14.94 33.56
CA GLN A 188 -41.73 -13.94 33.76
C GLN A 188 -41.66 -12.86 32.66
N GLU A 189 -40.45 -12.48 32.26
CA GLU A 189 -40.30 -11.52 31.15
C GLU A 189 -40.56 -12.20 29.79
N GLN A 190 -40.13 -13.46 29.64
CA GLN A 190 -40.47 -14.25 28.45
C GLN A 190 -41.97 -14.24 28.17
N THR A 191 -42.75 -14.81 29.10
CA THR A 191 -44.19 -14.98 28.92
C THR A 191 -44.89 -13.62 28.77
N LYS A 192 -44.43 -12.63 29.54
CA LYS A 192 -44.95 -11.27 29.43
C LYS A 192 -44.86 -10.76 27.97
N LEU A 193 -43.70 -10.91 27.34
CA LEU A 193 -43.45 -10.33 26.01
C LEU A 193 -43.97 -11.20 24.87
N TYR A 194 -43.76 -12.50 25.01
CA TYR A 194 -44.14 -13.47 24.02
C TYR A 194 -44.96 -14.49 24.77
N ILE A 195 -46.07 -14.94 24.21
CA ILE A 195 -46.96 -15.79 25.03
C ILE A 195 -46.24 -17.08 25.39
N GLN A 196 -45.77 -17.79 24.39
CA GLN A 196 -45.15 -19.10 24.60
C GLN A 196 -43.99 -19.02 25.60
N GLU A 197 -43.69 -20.14 26.24
CA GLU A 197 -42.56 -20.17 27.21
C GLU A 197 -41.20 -20.39 26.56
N SER A 198 -41.21 -20.96 25.35
CA SER A 198 -40.01 -21.11 24.57
C SER A 198 -40.23 -20.44 23.21
N GLY A 199 -39.24 -19.66 22.78
CA GLY A 199 -39.27 -19.04 21.46
C GLY A 199 -38.56 -19.88 20.42
N ARG A 200 -38.58 -19.39 19.20
CA ARG A 200 -37.93 -20.04 18.07
C ARG A 200 -37.98 -19.04 16.91
N VAL A 201 -36.95 -19.06 16.08
CA VAL A 201 -36.94 -18.26 14.87
C VAL A 201 -36.29 -19.10 13.78
N THR A 202 -36.97 -19.24 12.65
CA THR A 202 -36.43 -20.00 11.54
C THR A 202 -36.49 -19.17 10.30
N VAL A 203 -35.33 -18.77 9.82
CA VAL A 203 -35.21 -17.98 8.63
C VAL A 203 -34.67 -18.87 7.56
N SER A 204 -35.38 -18.94 6.46
CA SER A 204 -35.05 -19.86 5.39
C SER A 204 -35.17 -19.24 4.02
N THR A 205 -34.52 -19.91 3.08
CA THR A 205 -34.68 -19.66 1.68
C THR A 205 -34.85 -21.02 1.03
N LYS A 206 -34.85 -21.08 -0.29
CA LYS A 206 -34.89 -22.34 -1.02
C LYS A 206 -33.65 -23.20 -0.78
N ARG A 207 -32.55 -22.57 -0.40
CA ARG A 207 -31.27 -23.25 -0.39
C ARG A 207 -30.58 -23.26 0.97
N SER A 208 -31.19 -22.62 1.97
CA SER A 208 -30.52 -22.50 3.26
C SER A 208 -31.52 -22.13 4.33
N GLN A 209 -31.13 -22.38 5.57
CA GLN A 209 -31.97 -22.15 6.73
C GLN A 209 -31.13 -22.01 8.01
N GLN A 210 -31.68 -21.29 8.97
CA GLN A 210 -31.03 -21.14 10.26
C GLN A 210 -32.14 -20.99 11.28
N THR A 211 -32.11 -21.85 12.29
CA THR A 211 -33.07 -21.80 13.37
C THR A 211 -32.33 -21.47 14.67
N ILE A 212 -32.84 -20.52 15.43
CA ILE A 212 -32.28 -20.20 16.74
C ILE A 212 -33.34 -20.28 17.84
N ILE A 213 -32.94 -20.82 18.99
CA ILE A 213 -33.79 -20.93 20.16
C ILE A 213 -33.20 -20.07 21.26
N PRO A 214 -34.01 -19.20 21.88
CA PRO A 214 -33.45 -18.35 22.92
C PRO A 214 -33.24 -19.05 24.24
N ASN A 215 -32.37 -18.47 25.07
CA ASN A 215 -31.94 -19.08 26.32
C ASN A 215 -32.20 -18.10 27.45
N ILE A 216 -33.25 -18.37 28.23
CA ILE A 216 -33.64 -17.48 29.31
C ILE A 216 -32.50 -17.39 30.31
N GLY A 217 -32.41 -16.28 31.05
CA GLY A 217 -31.46 -16.16 32.16
C GLY A 217 -30.67 -14.86 32.24
N SER A 218 -30.12 -14.58 33.42
CA SER A 218 -29.39 -13.35 33.66
C SER A 218 -27.99 -13.42 33.05
N ARG A 219 -27.62 -12.37 32.34
CA ARG A 219 -26.24 -12.04 31.98
C ARG A 219 -25.91 -10.73 32.68
N PRO A 220 -24.63 -10.36 32.72
CA PRO A 220 -24.30 -9.11 33.39
C PRO A 220 -25.04 -7.90 32.83
N LEU A 221 -25.32 -6.96 33.72
CA LEU A 221 -26.12 -5.81 33.40
C LEU A 221 -25.33 -4.94 32.45
N VAL A 222 -25.98 -4.52 31.37
CA VAL A 222 -25.39 -3.55 30.46
C VAL A 222 -26.51 -2.61 30.08
N ARG A 223 -26.28 -1.31 30.33
CA ARG A 223 -27.31 -0.27 30.21
C ARG A 223 -28.64 -0.75 30.78
N GLY A 224 -28.61 -1.14 32.05
CA GLY A 224 -29.78 -1.62 32.77
C GLY A 224 -30.43 -2.88 32.20
N GLN A 225 -29.75 -3.61 31.33
CA GLN A 225 -30.31 -4.86 30.78
C GLN A 225 -29.46 -6.11 31.02
N SER A 226 -30.10 -7.14 31.54
CA SER A 226 -29.49 -8.44 31.72
C SER A 226 -29.98 -9.42 30.66
N GLY A 227 -30.91 -8.98 29.82
CA GLY A 227 -31.26 -9.72 28.61
C GLY A 227 -30.27 -9.38 27.53
N ARG A 228 -30.43 -9.98 26.35
CA ARG A 228 -29.52 -9.77 25.22
C ARG A 228 -30.20 -10.03 23.91
N ILE A 229 -29.63 -9.47 22.85
CA ILE A 229 -30.08 -9.72 21.51
C ILE A 229 -28.94 -10.31 20.72
N SER A 230 -29.23 -11.37 19.97
CA SER A 230 -28.24 -12.00 19.11
C SER A 230 -28.60 -11.74 17.67
N ILE A 231 -27.62 -11.27 16.91
CA ILE A 231 -27.82 -10.87 15.55
C ILE A 231 -27.31 -11.85 14.52
N TYR A 232 -28.14 -12.07 13.50
CA TYR A 232 -27.88 -12.99 12.42
C TYR A 232 -28.15 -12.29 11.11
N TRP A 233 -27.71 -12.90 10.03
CA TRP A 233 -27.99 -12.38 8.72
C TRP A 233 -28.24 -13.53 7.76
N THR A 234 -28.83 -13.17 6.61
CA THR A 234 -29.25 -14.13 5.63
C THR A 234 -29.13 -13.40 4.33
N ILE A 235 -28.48 -14.04 3.36
CA ILE A 235 -28.38 -13.46 2.02
C ILE A 235 -29.39 -14.15 1.14
N VAL A 236 -30.15 -13.36 0.37
CA VAL A 236 -31.21 -13.90 -0.45
C VAL A 236 -30.93 -13.58 -1.90
N LYS A 237 -30.79 -14.62 -2.71
CA LYS A 237 -30.42 -14.43 -4.10
C LYS A 237 -31.63 -14.06 -4.97
N PRO A 238 -31.38 -13.49 -6.14
CA PRO A 238 -32.43 -13.22 -7.10
C PRO A 238 -33.33 -14.43 -7.35
N GLY A 239 -34.62 -14.22 -7.55
CA GLY A 239 -35.53 -15.34 -7.74
C GLY A 239 -35.87 -16.10 -6.46
N ASP A 240 -35.01 -15.99 -5.45
CA ASP A 240 -35.19 -16.71 -4.19
C ASP A 240 -36.13 -15.90 -3.28
N ILE A 241 -36.43 -16.45 -2.12
CA ILE A 241 -37.50 -15.98 -1.26
C ILE A 241 -37.04 -16.02 0.18
N LEU A 242 -37.22 -14.93 0.90
CA LEU A 242 -37.00 -14.95 2.33
C LEU A 242 -38.26 -15.45 2.98
N MET A 243 -38.12 -16.35 3.94
CA MET A 243 -39.28 -16.77 4.76
C MET A 243 -38.90 -16.75 6.23
N ILE A 244 -39.79 -16.20 7.06
CA ILE A 244 -39.52 -16.10 8.49
C ILE A 244 -40.66 -16.77 9.27
N ASN A 245 -40.28 -17.63 10.20
CA ASN A 245 -41.18 -18.47 10.92
C ASN A 245 -40.81 -18.34 12.40
N SER A 246 -41.71 -17.81 13.20
CA SER A 246 -41.37 -17.61 14.60
C SER A 246 -42.54 -17.70 15.55
N ASN A 247 -42.18 -18.17 16.72
CA ASN A 247 -43.03 -18.61 17.79
C ASN A 247 -43.08 -17.61 18.91
N GLY A 248 -42.14 -16.67 18.84
CA GLY A 248 -41.82 -15.76 19.92
C GLY A 248 -40.37 -15.34 19.76
N ASN A 249 -40.05 -14.17 20.29
CA ASN A 249 -38.66 -13.74 20.52
C ASN A 249 -37.95 -13.16 19.28
N LEU A 250 -38.67 -13.07 18.17
CA LEU A 250 -38.13 -12.56 16.93
C LEU A 250 -37.88 -11.07 16.98
N VAL A 251 -36.68 -10.67 16.56
CA VAL A 251 -36.34 -9.28 16.32
C VAL A 251 -36.16 -9.18 14.83
N ALA A 252 -37.14 -8.55 14.18
CA ALA A 252 -37.40 -8.80 12.77
C ALA A 252 -36.77 -7.76 11.90
N PRO A 253 -36.54 -8.11 10.64
CA PRO A 253 -35.97 -7.15 9.72
C PRO A 253 -37.03 -6.20 9.22
N ARG A 254 -36.61 -4.98 8.90
CA ARG A 254 -37.48 -3.99 8.27
C ARG A 254 -37.22 -3.86 6.78
N GLY A 255 -36.23 -4.57 6.27
CA GLY A 255 -35.82 -4.42 4.88
C GLY A 255 -34.45 -4.98 4.59
N TYR A 256 -33.85 -4.54 3.50
CA TYR A 256 -32.59 -5.11 3.07
C TYR A 256 -31.52 -4.08 2.81
N PHE A 257 -30.28 -4.51 2.98
CA PHE A 257 -29.12 -3.81 2.43
C PHE A 257 -28.76 -4.42 1.08
N LYS A 258 -28.33 -3.56 0.18
CA LYS A 258 -27.91 -3.94 -1.14
C LYS A 258 -26.41 -4.20 -1.05
N LEU A 259 -25.99 -5.39 -1.44
CA LEU A 259 -24.57 -5.72 -1.61
C LEU A 259 -24.07 -5.23 -2.96
N ASN A 260 -23.12 -4.31 -2.91
CA ASN A 260 -22.43 -3.87 -4.10
C ASN A 260 -21.14 -4.63 -4.02
N THR A 261 -20.51 -4.83 -5.16
CA THR A 261 -19.18 -5.40 -5.21
C THR A 261 -18.26 -4.20 -5.26
N GLY A 262 -17.49 -4.02 -4.21
CA GLY A 262 -16.95 -2.71 -3.94
C GLY A 262 -15.46 -2.69 -3.78
N LYS A 263 -14.91 -1.53 -4.08
CA LYS A 263 -13.59 -1.20 -3.62
C LYS A 263 -13.57 -0.77 -2.15
N SER A 264 -14.59 -1.09 -1.37
CA SER A 264 -14.77 -0.42 -0.08
C SER A 264 -14.18 -1.21 1.06
N SER A 265 -13.86 -0.54 2.15
CA SER A 265 -13.29 -1.24 3.27
C SER A 265 -13.48 -0.43 4.54
N VAL A 266 -12.85 -0.91 5.60
CA VAL A 266 -12.89 -0.34 6.92
C VAL A 266 -11.52 -0.51 7.55
N MET A 267 -11.15 0.49 8.37
CA MET A 267 -9.84 0.54 9.01
C MET A 267 -9.93 1.17 10.37
N ARG A 268 -9.19 0.61 11.32
CA ARG A 268 -9.14 1.13 12.68
C ARG A 268 -8.03 2.15 12.81
N SER A 269 -8.37 3.37 13.17
CA SER A 269 -7.34 4.40 13.37
C SER A 269 -7.80 5.51 14.27
N ASP A 270 -6.89 6.10 15.03
CA ASP A 270 -7.21 7.29 15.82
C ASP A 270 -6.65 8.60 15.27
N VAL A 271 -5.96 8.57 14.14
CA VAL A 271 -5.33 9.82 13.67
C VAL A 271 -6.40 10.70 13.02
N PRO A 272 -6.28 12.03 13.18
CA PRO A 272 -7.31 12.89 12.65
C PRO A 272 -7.36 12.90 11.12
N ILE A 273 -8.52 13.22 10.57
CA ILE A 273 -8.69 13.41 9.14
C ILE A 273 -8.51 14.86 8.84
N ASP A 274 -7.89 15.17 7.71
CA ASP A 274 -7.52 16.55 7.43
C ASP A 274 -7.58 16.79 5.93
N ILE A 275 -7.45 18.04 5.55
CA ILE A 275 -7.66 18.45 4.18
C ILE A 275 -6.36 18.44 3.37
N CYS A 276 -6.04 17.31 2.77
CA CYS A 276 -4.85 17.14 1.92
C CYS A 276 -5.19 16.08 0.85
N VAL A 277 -4.22 15.66 0.04
CA VAL A 277 -4.45 14.69 -1.04
C VAL A 277 -3.44 13.52 -1.02
N SER A 278 -3.91 12.31 -1.26
CA SER A 278 -3.08 11.11 -1.20
C SER A 278 -3.86 9.91 -1.71
N GLU A 279 -3.16 8.83 -2.06
CA GLU A 279 -3.79 7.62 -2.62
C GLU A 279 -3.47 6.35 -1.87
N CYS A 280 -2.91 6.45 -0.65
CA CYS A 280 -2.62 5.29 0.18
C CYS A 280 -2.85 5.68 1.60
N ILE A 281 -3.63 4.87 2.32
CA ILE A 281 -3.97 5.14 3.68
C ILE A 281 -3.56 4.01 4.59
N THR A 282 -3.00 4.39 5.74
CA THR A 282 -2.69 3.48 6.84
C THR A 282 -3.23 4.09 8.12
N PRO A 283 -3.30 3.28 9.18
CA PRO A 283 -3.67 3.68 10.54
C PRO A 283 -2.88 4.83 11.15
N ASN A 284 -1.65 5.02 10.65
CA ASN A 284 -0.77 6.10 11.08
C ASN A 284 -1.06 7.37 10.34
N GLY A 285 -1.83 7.26 9.26
CA GLY A 285 -2.14 8.38 8.42
C GLY A 285 -1.87 8.00 7.00
N SER A 286 -2.18 8.91 6.11
CA SER A 286 -1.87 8.71 4.72
C SER A 286 -0.34 8.70 4.53
N ILE A 287 0.12 7.97 3.54
CA ILE A 287 1.52 8.00 3.18
C ILE A 287 1.65 8.27 1.73
N SER A 288 2.83 8.78 1.40
CA SER A 288 3.19 9.03 0.05
C SER A 288 3.39 7.72 -0.68
N ASN A 289 3.31 7.86 -1.98
CA ASN A 289 3.11 6.82 -2.97
C ASN A 289 4.28 6.61 -3.94
N ASP A 290 5.28 7.47 -3.94
CA ASP A 290 6.27 7.45 -5.01
C ASP A 290 7.32 6.34 -4.86
N LYS A 291 7.67 5.93 -3.64
CA LYS A 291 8.59 4.80 -3.45
C LYS A 291 7.88 3.43 -3.55
N PRO A 292 8.62 2.37 -3.90
CA PRO A 292 8.07 1.01 -4.08
C PRO A 292 7.82 0.21 -2.81
N PHE A 293 8.47 0.59 -1.71
CA PHE A 293 8.27 -0.09 -0.44
C PHE A 293 7.99 0.88 0.70
N GLN A 294 7.47 0.36 1.81
CA GLN A 294 7.22 1.18 3.00
C GLN A 294 7.31 0.36 4.25
N ASN A 295 7.56 1.04 5.37
CA ASN A 295 7.77 0.43 6.69
C ASN A 295 6.84 0.98 7.82
N VAL A 296 5.85 1.76 7.39
CA VAL A 296 4.89 2.42 8.26
C VAL A 296 3.84 1.47 8.87
N ASN A 297 3.17 0.68 8.03
CA ASN A 297 2.21 -0.27 8.50
C ASN A 297 1.86 -1.32 7.50
N LYS A 298 1.68 -2.54 7.98
CA LYS A 298 1.19 -3.62 7.16
C LYS A 298 -0.26 -3.46 6.78
N VAL A 299 -1.01 -2.66 7.55
CA VAL A 299 -2.42 -2.34 7.21
C VAL A 299 -2.43 -1.15 6.29
N THR A 300 -2.84 -1.37 5.06
CA THR A 300 -2.92 -0.28 4.10
C THR A 300 -4.21 -0.37 3.30
N TYR A 301 -4.57 0.73 2.65
CA TYR A 301 -5.69 0.75 1.70
C TYR A 301 -5.36 1.75 0.58
N GLY A 302 -5.65 1.38 -0.65
CA GLY A 302 -5.38 2.25 -1.80
C GLY A 302 -4.19 1.78 -2.61
N LYS A 303 -3.60 2.73 -3.34
CA LYS A 303 -2.47 2.52 -4.23
C LYS A 303 -1.19 2.57 -3.38
N CYS A 304 -0.78 1.44 -2.80
CA CYS A 304 0.27 1.45 -1.75
C CYS A 304 1.63 0.79 -2.07
N PRO A 305 2.72 1.41 -1.60
CA PRO A 305 3.97 0.69 -1.67
C PRO A 305 3.87 -0.56 -0.78
N LYS A 306 4.72 -1.54 -1.05
CA LYS A 306 4.62 -2.81 -0.36
C LYS A 306 5.34 -2.74 0.97
N TYR A 307 4.70 -3.26 2.00
CA TYR A 307 5.21 -3.21 3.33
C TYR A 307 6.35 -4.18 3.47
N ILE A 308 7.49 -3.70 3.97
CA ILE A 308 8.64 -4.59 4.32
C ILE A 308 9.21 -4.26 5.68
N ARG A 309 10.05 -5.13 6.21
CA ARG A 309 10.61 -4.95 7.57
C ARG A 309 11.74 -3.93 7.70
N GLN A 310 12.38 -3.58 6.59
CA GLN A 310 13.50 -2.64 6.58
C GLN A 310 12.97 -1.20 6.59
N ASN A 311 13.65 -0.32 7.33
CA ASN A 311 13.24 1.07 7.40
C ASN A 311 14.00 1.95 6.40
N THR A 312 15.03 1.39 5.78
CA THR A 312 15.79 2.10 4.76
C THR A 312 16.41 1.15 3.71
N LEU A 313 16.38 1.57 2.44
CA LEU A 313 17.07 0.89 1.35
C LEU A 313 17.53 1.88 0.28
N LYS A 314 18.82 1.88 -0.01
CA LYS A 314 19.36 2.90 -0.86
C LYS A 314 19.69 2.34 -2.23
N LEU A 315 19.13 2.97 -3.27
CA LEU A 315 19.38 2.55 -4.64
C LEU A 315 20.29 3.56 -5.35
N ALA A 316 21.47 3.12 -5.78
CA ALA A 316 22.43 4.00 -6.45
C ALA A 316 21.81 4.57 -7.70
N THR A 317 22.06 5.84 -7.96
CA THR A 317 21.65 6.52 -9.21
C THR A 317 22.82 7.25 -9.83
N GLY A 318 24.03 6.82 -9.47
CA GLY A 318 25.25 7.35 -10.02
C GLY A 318 26.40 6.38 -9.83
N MET A 319 27.53 6.73 -10.40
CA MET A 319 28.70 5.86 -10.36
C MET A 319 29.39 5.92 -9.01
N ARG A 320 30.27 4.96 -8.81
CA ARG A 320 31.19 4.95 -7.69
C ARG A 320 31.84 6.33 -7.56
N ASN A 321 31.76 6.94 -6.38
CA ASN A 321 32.34 8.27 -6.13
C ASN A 321 33.73 8.09 -5.55
N VAL A 322 34.72 8.68 -6.24
CA VAL A 322 36.12 8.51 -5.87
C VAL A 322 36.81 9.88 -5.72
N PRO A 323 36.84 10.42 -4.49
CA PRO A 323 37.43 11.73 -4.29
C PRO A 323 38.94 11.63 -4.34
N GLU A 324 39.62 12.78 -4.34
CA GLU A 324 41.06 12.81 -4.54
C GLU A 324 41.85 12.15 -3.39
N LYS A 325 42.76 11.24 -3.74
CA LYS A 325 43.57 10.49 -2.77
C LYS A 325 44.89 11.22 -2.49
N GLY B 1 35.31 -2.30 -9.50
CA GLY B 1 34.39 -2.79 -10.57
C GLY B 1 35.13 -3.76 -11.46
N ILE B 2 34.38 -4.60 -12.16
CA ILE B 2 34.98 -5.62 -13.00
C ILE B 2 35.95 -5.11 -14.09
N PHE B 3 35.81 -3.86 -14.54
CA PHE B 3 36.75 -3.33 -15.56
C PHE B 3 37.98 -2.64 -15.05
N GLY B 4 38.03 -2.34 -13.75
CA GLY B 4 39.20 -1.74 -13.13
C GLY B 4 39.57 -0.39 -13.69
N ALA B 5 38.58 0.32 -14.22
CA ALA B 5 38.76 1.66 -14.74
C ALA B 5 38.56 2.64 -13.61
N ILE B 6 37.31 2.82 -13.20
CA ILE B 6 36.94 3.67 -12.06
C ILE B 6 37.49 3.08 -10.76
N ALA B 7 38.15 3.92 -9.98
CA ALA B 7 38.82 3.47 -8.78
C ALA B 7 39.83 2.38 -9.12
N GLY B 8 40.46 2.52 -10.28
CA GLY B 8 41.52 1.60 -10.71
C GLY B 8 42.58 2.36 -11.45
N PHE B 9 42.58 2.22 -12.77
CA PHE B 9 43.62 2.88 -13.53
C PHE B 9 43.35 4.36 -13.64
N ILE B 10 42.08 4.73 -13.48
CA ILE B 10 41.74 6.14 -13.33
C ILE B 10 41.86 6.39 -11.84
N GLU B 11 42.87 7.13 -11.43
CA GLU B 11 43.17 7.16 -10.01
C GLU B 11 41.95 7.70 -9.27
N ASN B 12 41.30 8.71 -9.82
CA ASN B 12 40.14 9.30 -9.20
C ASN B 12 39.22 10.12 -10.11
N GLY B 13 38.08 10.53 -9.56
CA GLY B 13 37.12 11.36 -10.25
C GLY B 13 37.45 12.84 -10.11
N TRP B 14 36.78 13.66 -10.91
CA TRP B 14 37.00 15.08 -10.96
C TRP B 14 35.75 15.83 -10.47
N GLU B 15 35.84 16.46 -9.30
CA GLU B 15 34.79 17.37 -8.79
C GLU B 15 34.55 18.57 -9.69
N GLY B 16 35.56 18.92 -10.47
CA GLY B 16 35.49 20.08 -11.37
C GLY B 16 34.75 19.81 -12.67
N MET B 17 34.38 18.57 -12.94
CA MET B 17 33.56 18.31 -14.10
C MET B 17 32.08 18.33 -13.76
N VAL B 18 31.43 19.46 -14.03
CA VAL B 18 29.99 19.64 -13.78
C VAL B 18 29.19 19.43 -15.08
N ASP B 19 29.92 19.25 -16.15
CA ASP B 19 29.44 19.39 -17.51
C ASP B 19 28.79 18.07 -17.93
N GLY B 20 29.21 16.98 -17.28
CA GLY B 20 28.90 15.61 -17.67
C GLY B 20 29.41 14.59 -16.66
N TRP B 21 29.23 13.31 -16.96
CA TRP B 21 29.70 12.23 -16.09
C TRP B 21 31.08 11.69 -16.49
N TYR B 22 31.40 11.81 -17.77
CA TYR B 22 32.65 11.29 -18.30
C TYR B 22 33.19 12.33 -19.23
N GLY B 23 34.52 12.33 -19.43
CA GLY B 23 35.12 13.26 -20.36
C GLY B 23 36.63 13.26 -20.37
N PHE B 24 37.17 14.39 -20.84
CA PHE B 24 38.58 14.54 -21.15
C PHE B 24 39.16 15.79 -20.53
N ARG B 25 40.41 15.70 -20.10
CA ARG B 25 41.24 16.87 -19.82
C ARG B 25 42.50 16.73 -20.64
N TYR B 26 43.08 17.86 -21.04
CA TYR B 26 44.19 17.81 -21.96
C TYR B 26 45.11 18.99 -21.82
N GLN B 27 46.35 18.77 -22.21
CA GLN B 27 47.38 19.80 -22.22
C GLN B 27 48.07 19.77 -23.60
N ASN B 28 47.96 20.87 -24.34
CA ASN B 28 48.47 20.91 -25.69
C ASN B 28 49.19 22.23 -25.97
N SER B 29 49.41 22.53 -27.24
CA SER B 29 50.06 23.78 -27.62
C SER B 29 49.27 25.04 -27.21
N GLU B 30 47.96 24.93 -27.02
CA GLU B 30 47.16 26.09 -26.61
C GLU B 30 46.84 26.14 -25.11
N GLY B 31 47.55 25.34 -24.30
CA GLY B 31 47.40 25.35 -22.84
C GLY B 31 46.61 24.14 -22.40
N THR B 32 45.71 24.32 -21.43
CA THR B 32 44.91 23.22 -20.92
C THR B 32 43.41 23.46 -21.06
N GLY B 33 42.67 22.35 -21.07
CA GLY B 33 41.24 22.40 -21.29
C GLY B 33 40.53 21.17 -20.79
N GLN B 34 39.21 21.22 -20.89
CA GLN B 34 38.35 20.16 -20.38
C GLN B 34 37.08 20.10 -21.20
N ALA B 35 36.62 18.89 -21.50
CA ALA B 35 35.35 18.75 -22.18
C ALA B 35 34.59 17.50 -21.72
N ALA B 36 33.28 17.62 -21.60
CA ALA B 36 32.49 16.45 -21.28
C ALA B 36 32.17 15.66 -22.56
N ASP B 37 32.14 14.33 -22.44
CA ASP B 37 31.61 13.43 -23.49
C ASP B 37 30.14 13.13 -23.23
N LEU B 38 29.29 13.58 -24.15
CA LEU B 38 27.85 13.49 -23.96
C LEU B 38 27.24 12.14 -24.29
N LYS B 39 27.81 11.43 -25.26
CA LYS B 39 27.30 10.13 -25.70
C LYS B 39 27.34 9.13 -24.56
N SER B 40 28.51 9.01 -23.96
CA SER B 40 28.72 8.02 -22.92
C SER B 40 28.01 8.40 -21.61
N THR B 41 27.98 9.69 -21.31
CA THR B 41 27.17 10.19 -20.20
C THR B 41 25.72 9.79 -20.40
N GLN B 42 25.21 9.96 -21.60
CA GLN B 42 23.81 9.66 -21.88
C GLN B 42 23.57 8.15 -21.89
N ALA B 43 24.59 7.36 -22.25
CA ALA B 43 24.42 5.91 -22.26
C ALA B 43 24.24 5.43 -20.83
N ALA B 44 25.01 5.99 -19.90
CA ALA B 44 24.87 5.65 -18.50
C ALA B 44 23.49 6.02 -17.99
N ILE B 45 23.12 7.28 -18.21
CA ILE B 45 21.96 7.81 -17.57
C ILE B 45 20.73 7.07 -18.03
N ASP B 46 20.63 6.81 -19.34
CA ASP B 46 19.50 6.07 -19.90
C ASP B 46 19.33 4.73 -19.21
N GLN B 47 20.43 4.08 -18.88
CA GLN B 47 20.34 2.80 -18.19
C GLN B 47 19.86 2.93 -16.75
N ILE B 48 20.19 4.05 -16.11
CA ILE B 48 19.91 4.22 -14.70
C ILE B 48 18.55 4.87 -14.44
N ASN B 49 18.12 5.79 -15.29
CA ASN B 49 16.77 6.30 -15.17
C ASN B 49 15.72 5.20 -15.38
N GLY B 50 14.75 5.11 -14.47
CA GLY B 50 13.63 4.15 -14.60
C GLY B 50 14.04 2.68 -14.57
N LYS B 51 15.20 2.45 -13.99
CA LYS B 51 15.75 1.12 -13.74
C LYS B 51 14.81 0.21 -12.97
N LEU B 52 14.25 0.75 -11.90
CA LEU B 52 13.37 0.00 -11.06
C LEU B 52 12.09 -0.33 -11.79
N ASN B 53 11.62 0.56 -12.68
CA ASN B 53 10.42 0.27 -13.46
C ASN B 53 10.49 -0.97 -14.32
N ARG B 54 11.67 -1.39 -14.68
CA ARG B 54 11.82 -2.58 -15.51
C ARG B 54 11.63 -3.87 -14.69
N VAL B 55 11.56 -3.76 -13.37
CA VAL B 55 11.27 -4.92 -12.54
C VAL B 55 9.93 -4.87 -11.78
N ILE B 56 9.60 -3.73 -11.15
CA ILE B 56 8.32 -3.57 -10.46
C ILE B 56 7.33 -2.87 -11.37
N GLU B 57 6.14 -3.44 -11.50
CA GLU B 57 5.06 -2.77 -12.21
C GLU B 57 4.57 -1.61 -11.35
N ARG B 58 4.05 -0.58 -12.01
CA ARG B 58 3.50 0.53 -11.26
C ARG B 58 2.55 -0.04 -10.20
N THR B 59 2.91 0.23 -8.96
CA THR B 59 2.04 0.15 -7.79
C THR B 59 0.55 -0.09 -8.07
N ASN B 60 -0.02 -1.13 -7.44
CA ASN B 60 -1.41 -1.45 -7.72
C ASN B 60 -2.37 -1.08 -6.59
N GLU B 61 -3.61 -0.75 -6.95
CA GLU B 61 -4.64 -0.49 -5.98
C GLU B 61 -5.01 -1.78 -5.28
N LYS B 62 -5.11 -1.75 -3.96
CA LYS B 62 -5.66 -2.85 -3.21
C LYS B 62 -6.63 -2.34 -2.18
N PHE B 63 -7.78 -2.98 -2.09
CA PHE B 63 -8.90 -2.44 -1.34
C PHE B 63 -9.15 -3.27 -0.09
N HIS B 64 -10.33 -3.88 0.07
CA HIS B 64 -10.59 -4.66 1.26
C HIS B 64 -9.71 -5.90 1.25
N GLN B 65 -9.20 -6.31 2.41
CA GLN B 65 -8.29 -7.42 2.51
C GLN B 65 -8.63 -8.23 3.75
N ILE B 66 -7.62 -8.75 4.44
CA ILE B 66 -7.79 -9.36 5.75
C ILE B 66 -7.32 -8.38 6.81
N GLU B 67 -7.88 -8.56 8.00
CA GLU B 67 -7.48 -7.86 9.19
C GLU B 67 -6.12 -8.36 9.58
N LYS B 68 -5.34 -7.49 10.23
CA LYS B 68 -3.97 -7.82 10.63
C LYS B 68 -3.61 -7.51 12.09
N GLU B 69 -4.55 -7.02 12.87
CA GLU B 69 -4.38 -6.70 14.28
C GLU B 69 -5.63 -7.20 14.95
N PHE B 70 -5.46 -7.84 16.10
CA PHE B 70 -6.53 -8.53 16.76
C PHE B 70 -6.58 -8.15 18.22
N SER B 71 -7.80 -7.97 18.71
CA SER B 71 -8.01 -7.50 20.06
C SER B 71 -8.35 -8.67 20.98
N GLU B 72 -8.62 -9.84 20.43
CA GLU B 72 -8.87 -11.01 21.27
C GLU B 72 -8.14 -12.22 20.76
N VAL B 73 -7.87 -13.15 21.67
CA VAL B 73 -7.26 -14.41 21.28
C VAL B 73 -8.37 -15.33 20.75
N GLU B 74 -8.11 -16.06 19.67
CA GLU B 74 -9.12 -16.90 19.01
C GLU B 74 -8.58 -18.27 18.59
N GLY B 75 -7.27 -18.37 18.38
CA GLY B 75 -6.63 -19.62 17.99
C GLY B 75 -6.57 -19.80 16.50
N ARG B 76 -6.99 -20.97 16.05
CA ARG B 76 -6.69 -21.48 14.70
C ARG B 76 -6.76 -20.49 13.57
N ILE B 77 -7.84 -19.72 13.49
CA ILE B 77 -8.08 -18.88 12.32
C ILE B 77 -7.24 -17.65 12.42
N GLN B 78 -7.05 -17.13 13.62
CA GLN B 78 -6.21 -15.98 13.79
C GLN B 78 -4.75 -16.36 13.59
N ASP B 79 -4.37 -17.55 14.06
CA ASP B 79 -3.03 -18.05 13.80
C ASP B 79 -2.73 -18.05 12.32
N LEU B 80 -3.71 -18.46 11.51
CA LEU B 80 -3.49 -18.55 10.08
C LEU B 80 -3.43 -17.19 9.41
N GLU B 81 -4.28 -16.27 9.84
CA GLU B 81 -4.25 -14.90 9.31
C GLU B 81 -2.90 -14.26 9.61
N LYS B 82 -2.39 -14.48 10.81
CA LYS B 82 -1.12 -13.95 11.20
C LYS B 82 0.00 -14.53 10.38
N TYR B 83 -0.01 -15.84 10.21
CA TYR B 83 1.07 -16.51 9.52
C TYR B 83 1.09 -16.14 8.05
N VAL B 84 -0.08 -15.97 7.45
CA VAL B 84 -0.17 -15.55 6.07
C VAL B 84 0.45 -14.17 5.94
N GLU B 85 0.11 -13.24 6.81
CA GLU B 85 0.66 -11.90 6.63
C GLU B 85 2.18 -11.90 6.82
N ASP B 86 2.66 -12.68 7.76
CA ASP B 86 4.06 -12.79 8.07
C ASP B 86 4.85 -13.39 6.92
N THR B 87 4.31 -14.46 6.39
CA THR B 87 4.90 -15.10 5.26
C THR B 87 5.09 -14.11 4.10
N LYS B 88 4.06 -13.33 3.83
CA LYS B 88 4.09 -12.34 2.77
C LYS B 88 5.10 -11.24 3.02
N ILE B 89 5.11 -10.71 4.22
CA ILE B 89 6.02 -9.60 4.49
C ILE B 89 7.47 -10.07 4.38
N ASP B 90 7.80 -11.22 4.96
CA ASP B 90 9.14 -11.77 4.87
C ASP B 90 9.60 -11.96 3.43
N LEU B 91 8.69 -12.41 2.58
CA LEU B 91 9.05 -12.71 1.21
C LEU B 91 9.36 -11.42 0.47
N TRP B 92 8.48 -10.45 0.59
CA TRP B 92 8.78 -9.13 0.05
C TRP B 92 10.05 -8.50 0.64
N SER B 93 10.29 -8.65 1.93
CA SER B 93 11.48 -8.04 2.50
C SER B 93 12.72 -8.64 1.82
N TYR B 94 12.71 -9.95 1.60
CA TYR B 94 13.79 -10.63 0.89
C TYR B 94 13.93 -10.05 -0.48
N ASN B 95 12.81 -9.94 -1.18
CA ASN B 95 12.81 -9.42 -2.52
C ASN B 95 13.46 -8.06 -2.59
N ALA B 96 13.11 -7.20 -1.66
CA ALA B 96 13.56 -5.83 -1.80
C ALA B 96 15.04 -5.76 -1.49
N GLU B 97 15.51 -6.61 -0.60
CA GLU B 97 16.91 -6.60 -0.23
C GLU B 97 17.76 -7.04 -1.43
N LEU B 98 17.35 -8.15 -2.04
CA LEU B 98 18.04 -8.71 -3.17
C LEU B 98 18.01 -7.75 -4.34
N LEU B 99 16.86 -7.15 -4.61
CA LEU B 99 16.73 -6.23 -5.71
C LEU B 99 17.76 -5.10 -5.60
N VAL B 100 17.92 -4.58 -4.41
CA VAL B 100 18.80 -3.46 -4.22
C VAL B 100 20.22 -3.88 -4.57
N ALA B 101 20.62 -4.99 -3.99
CA ALA B 101 21.95 -5.48 -4.19
C ALA B 101 22.25 -5.70 -5.68
N LEU B 102 21.35 -6.39 -6.36
CA LEU B 102 21.47 -6.67 -7.79
C LEU B 102 21.59 -5.42 -8.60
N GLU B 103 20.64 -4.51 -8.39
CA GLU B 103 20.55 -3.34 -9.19
C GLU B 103 21.80 -2.51 -8.97
N ASN B 104 22.22 -2.38 -7.73
CA ASN B 104 23.36 -1.56 -7.46
C ASN B 104 24.60 -2.16 -8.12
N GLN B 105 24.78 -3.46 -7.97
CA GLN B 105 25.89 -4.12 -8.63
C GLN B 105 25.87 -3.78 -10.10
N HIS B 106 24.71 -3.94 -10.72
CA HIS B 106 24.55 -3.59 -12.13
C HIS B 106 24.98 -2.15 -12.38
N THR B 107 24.49 -1.23 -11.56
CA THR B 107 24.81 0.17 -11.73
C THR B 107 26.31 0.46 -11.64
N ILE B 108 26.96 -0.11 -10.62
CA ILE B 108 28.38 0.07 -10.42
C ILE B 108 29.11 -0.42 -11.65
N ASP B 109 28.74 -1.61 -12.10
CA ASP B 109 29.45 -2.27 -13.19
C ASP B 109 29.21 -1.56 -14.53
N LEU B 110 28.03 -1.00 -14.78
CA LEU B 110 27.79 -0.44 -16.11
C LEU B 110 28.46 0.89 -16.30
N THR B 111 28.66 1.58 -15.19
CA THR B 111 29.29 2.88 -15.21
C THR B 111 30.79 2.74 -15.35
N ASP B 112 31.37 1.73 -14.70
CA ASP B 112 32.76 1.32 -14.93
C ASP B 112 32.91 1.03 -16.43
N ALA B 113 32.00 0.25 -16.98
CA ALA B 113 32.09 -0.13 -18.37
C ALA B 113 32.04 1.06 -19.31
N GLU B 114 31.20 2.06 -19.03
CA GLU B 114 31.13 3.22 -19.92
C GLU B 114 32.46 3.95 -19.94
N MET B 115 33.08 4.05 -18.77
CA MET B 115 34.38 4.70 -18.69
C MET B 115 35.40 3.98 -19.53
N ASN B 116 35.52 2.68 -19.27
CA ASN B 116 36.40 1.84 -20.04
C ASN B 116 36.12 1.89 -21.53
N LYS B 117 34.85 1.79 -21.91
CA LYS B 117 34.48 1.87 -23.32
C LYS B 117 35.03 3.12 -24.00
N LEU B 118 34.99 4.25 -23.28
CA LEU B 118 35.37 5.54 -23.84
C LEU B 118 36.89 5.64 -23.97
N PHE B 119 37.60 5.07 -23.00
CA PHE B 119 39.05 5.00 -23.06
C PHE B 119 39.47 4.17 -24.26
N GLU B 120 38.87 3.01 -24.39
CA GLU B 120 39.17 2.09 -25.46
C GLU B 120 38.93 2.75 -26.83
N LYS B 121 37.83 3.48 -26.94
CA LYS B 121 37.37 4.05 -28.22
C LYS B 121 38.36 5.11 -28.64
N THR B 122 38.83 5.85 -27.63
CA THR B 122 39.84 6.85 -27.82
C THR B 122 41.17 6.21 -28.25
N ARG B 123 41.64 5.22 -27.50
CA ARG B 123 42.89 4.56 -27.84
C ARG B 123 42.86 4.07 -29.29
N ARG B 124 41.76 3.44 -29.67
CA ARG B 124 41.62 2.83 -30.99
C ARG B 124 41.77 3.82 -32.14
N GLN B 125 41.30 5.03 -31.93
CA GLN B 125 41.43 6.07 -32.92
C GLN B 125 42.86 6.49 -33.18
N LEU B 126 43.57 6.72 -32.06
CA LEU B 126 44.94 7.18 -32.00
C LEU B 126 45.90 6.21 -32.65
N ARG B 127 45.66 4.93 -32.44
CA ARG B 127 46.44 3.89 -33.07
C ARG B 127 47.92 4.02 -32.67
N GLU B 128 48.83 3.66 -33.55
CA GLU B 128 50.26 3.74 -33.19
C GLU B 128 50.81 5.17 -32.87
N ASN B 129 50.08 6.25 -33.18
CA ASN B 129 50.50 7.63 -32.84
C ASN B 129 50.45 8.05 -31.35
N ALA B 130 50.20 7.13 -30.44
CA ALA B 130 50.09 7.50 -29.03
C ALA B 130 50.38 6.34 -28.11
N GLU B 131 50.49 6.67 -26.84
CA GLU B 131 50.91 5.72 -25.83
C GLU B 131 49.95 5.76 -24.65
N ASP B 132 49.57 4.60 -24.12
CA ASP B 132 48.75 4.51 -22.89
C ASP B 132 49.71 4.68 -21.70
N MET B 133 49.60 5.80 -21.00
CA MET B 133 50.48 6.05 -19.87
C MET B 133 50.16 5.26 -18.62
N GLY B 134 48.99 4.63 -18.58
CA GLY B 134 48.69 3.65 -17.54
C GLY B 134 47.78 4.14 -16.45
N ASP B 135 47.49 5.44 -16.51
CA ASP B 135 46.70 6.17 -15.50
C ASP B 135 45.49 6.83 -16.14
N GLY B 136 45.03 6.25 -17.24
CA GLY B 136 43.96 6.86 -18.00
C GLY B 136 44.36 7.98 -18.94
N CYS B 137 45.66 8.28 -19.09
CA CYS B 137 46.09 9.31 -20.04
C CYS B 137 46.82 8.74 -21.24
N PHE B 138 46.78 9.50 -22.31
CA PHE B 138 47.46 9.17 -23.54
C PHE B 138 48.53 10.20 -23.81
N LYS B 139 49.74 9.73 -24.17
CA LYS B 139 50.80 10.60 -24.68
C LYS B 139 50.75 10.55 -26.19
N ILE B 140 50.52 11.71 -26.80
CA ILE B 140 50.36 11.83 -28.25
C ILE B 140 51.63 12.44 -28.82
N TYR B 141 52.23 11.74 -29.78
CA TYR B 141 53.54 12.16 -30.31
C TYR B 141 53.44 13.22 -31.42
N HIS B 142 52.64 14.26 -31.24
CA HIS B 142 52.64 15.38 -32.18
C HIS B 142 51.92 16.63 -31.70
N LYS B 143 52.18 17.75 -32.40
CA LYS B 143 51.48 19.00 -32.13
C LYS B 143 49.99 18.74 -32.35
N CYS B 144 49.22 18.81 -31.27
CA CYS B 144 47.79 18.58 -31.37
C CYS B 144 47.09 19.78 -30.72
N ASP B 145 46.81 20.78 -31.56
CA ASP B 145 46.03 21.96 -31.13
C ASP B 145 44.57 21.62 -30.78
N ASN B 146 43.83 22.59 -30.27
CA ASN B 146 42.46 22.36 -29.84
C ASN B 146 41.61 21.75 -30.94
N ALA B 147 41.73 22.22 -32.17
CA ALA B 147 41.01 21.61 -33.30
C ALA B 147 41.27 20.09 -33.42
N CYS B 148 42.53 19.69 -33.25
CA CYS B 148 42.96 18.30 -33.33
C CYS B 148 42.37 17.46 -32.17
N ILE B 149 42.43 18.01 -30.97
CA ILE B 149 41.81 17.38 -29.82
C ILE B 149 40.30 17.30 -30.00
N GLU B 150 39.69 18.34 -30.53
CA GLU B 150 38.28 18.30 -30.90
C GLU B 150 38.01 17.14 -31.88
N SER B 151 38.90 16.91 -32.85
CA SER B 151 38.68 15.83 -33.83
C SER B 151 38.67 14.46 -33.16
N ILE B 152 39.45 14.28 -32.09
CA ILE B 152 39.51 13.01 -31.37
C ILE B 152 38.25 12.79 -30.53
N ARG B 153 37.75 13.84 -29.90
CA ARG B 153 36.50 13.79 -29.14
C ARG B 153 35.28 13.52 -30.02
N THR B 154 35.27 14.04 -31.24
CA THR B 154 34.14 13.87 -32.16
C THR B 154 34.25 12.62 -33.04
N GLY B 155 35.33 11.85 -32.89
CA GLY B 155 35.54 10.66 -33.73
C GLY B 155 35.97 10.89 -35.18
N THR B 156 36.44 12.09 -35.53
CA THR B 156 36.88 12.40 -36.89
C THR B 156 38.42 12.35 -37.12
N TYR B 157 39.19 12.06 -36.08
CA TYR B 157 40.66 12.08 -36.15
C TYR B 157 41.26 11.08 -37.14
N ASP B 158 41.93 11.57 -38.18
CA ASP B 158 42.55 10.72 -39.19
C ASP B 158 44.00 10.51 -38.76
N HIS B 159 44.34 9.28 -38.43
CA HIS B 159 45.65 9.03 -37.84
C HIS B 159 46.78 9.01 -38.90
N TYR B 160 46.45 8.70 -40.16
CA TYR B 160 47.47 8.64 -41.23
C TYR B 160 48.14 9.98 -41.40
N ILE B 161 47.36 11.04 -41.23
CA ILE B 161 47.85 12.42 -41.37
C ILE B 161 49.04 12.72 -40.47
N TYR B 162 48.95 12.30 -39.22
CA TYR B 162 49.97 12.57 -38.19
C TYR B 162 51.02 11.47 -38.06
N ARG B 163 50.91 10.41 -38.84
CA ARG B 163 51.71 9.21 -38.58
C ARG B 163 53.21 9.48 -38.72
N ASP B 164 53.63 10.09 -39.83
CA ASP B 164 55.05 10.33 -40.02
C ASP B 164 55.58 11.23 -38.91
N GLU B 165 54.82 12.25 -38.53
CA GLU B 165 55.26 13.16 -37.47
C GLU B 165 55.45 12.42 -36.14
N ALA B 166 54.51 11.54 -35.82
CA ALA B 166 54.54 10.81 -34.54
C ALA B 166 55.64 9.78 -34.56
N LEU B 167 55.93 9.24 -35.74
CA LEU B 167 57.08 8.34 -35.92
C LEU B 167 58.40 9.03 -35.60
N ASN B 168 58.56 10.26 -36.10
CA ASN B 168 59.81 10.97 -35.88
C ASN B 168 60.01 11.20 -34.40
N ASN B 169 58.94 11.62 -33.72
CA ASN B 169 59.04 11.95 -32.31
C ASN B 169 59.17 10.71 -31.45
N ARG B 170 58.46 9.65 -31.82
CA ARG B 170 58.55 8.41 -31.07
C ARG B 170 59.97 7.90 -31.14
N PHE B 171 60.45 7.72 -32.37
CA PHE B 171 61.69 7.02 -32.60
C PHE B 171 62.93 7.88 -32.72
N GLN B 172 62.92 9.08 -32.16
CA GLN B 172 64.17 9.71 -31.79
C GLN B 172 65.05 8.83 -30.87
N SER B 173 65.04 7.48 -30.97
CA SER B 173 65.85 6.63 -30.04
C SER B 173 66.38 5.20 -30.44
N GLY B 174 67.01 4.55 -29.45
CA GLY B 174 68.07 3.54 -29.63
C GLY B 174 69.32 4.04 -28.87
N ARG B 175 70.21 3.15 -28.40
CA ARG B 175 71.40 3.48 -27.54
C ARG B 175 71.54 2.50 -26.38
#